data_6TRR
#
_entry.id   6TRR
#
_cell.length_a   55.376
_cell.length_b   55.376
_cell.length_c   126.945
_cell.angle_alpha   90.000
_cell.angle_beta   90.000
_cell.angle_gamma   90.000
#
_symmetry.space_group_name_H-M   'P 43 21 2'
#
loop_
_entity.id
_entity.type
_entity.pdbx_description
1 polymer '16L protein'
2 polymer 'Apoptosis regulator BAX'
3 non-polymer 'SODIUM ION'
4 water water
#
loop_
_entity_poly.entity_id
_entity_poly.type
_entity_poly.pdbx_seq_one_letter_code
_entity_poly.pdbx_strand_id
1 'polypeptide(L)'
;GPLGSMENSCNFNNSIKNVIVFYINEKALIEEKKMLSCYENKLLNLIKEDCENIMLKYKPNLSYICSLLKVDDTSEENIK
HIKDQIIESLENDNRPSVKLAIISLISMIVEMNGYKGKNIPMSFLIEDIALKISENSEDLINFINIKNKQKS
;
A
2 'polypeptide(L)' VPQDASTKKLSECLKRIGDELDSNMELQ B
#
loop_
_chem_comp.id
_chem_comp.type
_chem_comp.name
_chem_comp.formula
NA non-polymer 'SODIUM ION' 'Na 1'
#
# COMPACT_ATOMS: atom_id res chain seq x y z
N CYS A 10 32.21 4.15 -20.50
CA CYS A 10 32.65 5.44 -21.02
C CYS A 10 32.22 6.58 -20.10
N ASN A 11 32.62 6.50 -18.84
CA ASN A 11 32.51 7.61 -17.90
C ASN A 11 31.04 7.98 -17.65
N PHE A 12 30.35 7.05 -16.99
CA PHE A 12 28.98 7.26 -16.58
C PHE A 12 28.92 7.77 -15.14
N ASN A 13 27.86 8.52 -14.84
CA ASN A 13 27.66 9.09 -13.50
C ASN A 13 26.22 8.83 -13.08
N ASN A 14 26.02 7.89 -12.16
CA ASN A 14 24.67 7.50 -11.75
C ASN A 14 24.02 8.54 -10.83
N SER A 15 24.78 9.48 -10.28
CA SER A 15 24.15 10.59 -9.58
C SER A 15 23.35 11.46 -10.53
N ILE A 16 23.91 11.76 -11.70
CA ILE A 16 23.15 12.42 -12.77
C ILE A 16 21.90 11.61 -13.07
N LYS A 17 22.09 10.31 -13.33
CA LYS A 17 20.97 9.45 -13.72
C LYS A 17 19.86 9.48 -12.67
N ASN A 18 20.24 9.34 -11.39
CA ASN A 18 19.24 9.31 -10.34
C ASN A 18 18.50 10.64 -10.24
N VAL A 19 19.22 11.75 -10.37
CA VAL A 19 18.58 13.06 -10.29
C VAL A 19 17.60 13.23 -11.44
N ILE A 20 17.98 12.83 -12.65
CA ILE A 20 17.10 12.98 -13.81
C ILE A 20 15.87 12.11 -13.64
N VAL A 21 16.03 10.86 -13.20
CA VAL A 21 14.89 9.99 -12.99
C VAL A 21 13.93 10.61 -11.97
N PHE A 22 14.47 11.12 -10.87
CA PHE A 22 13.62 11.75 -9.86
C PHE A 22 12.93 12.99 -10.42
N TYR A 23 13.69 13.86 -11.08
CA TYR A 23 13.12 15.10 -11.60
C TYR A 23 11.93 14.81 -12.52
N ILE A 24 12.09 13.88 -13.45
CA ILE A 24 11.01 13.59 -14.38
C ILE A 24 9.84 12.93 -13.66
N ASN A 25 10.13 11.98 -12.76
CA ASN A 25 9.07 11.38 -11.96
C ASN A 25 8.31 12.45 -11.18
N GLU A 26 9.02 13.42 -10.61
CA GLU A 26 8.37 14.51 -9.88
C GLU A 26 7.45 15.29 -10.80
N LYS A 27 7.92 15.64 -11.99
CA LYS A 27 7.07 16.35 -12.95
C LYS A 27 5.81 15.54 -13.28
N ALA A 28 5.93 14.22 -13.33
CA ALA A 28 4.78 13.37 -13.62
C ALA A 28 3.79 13.36 -12.46
N LEU A 29 4.29 13.20 -11.23
CA LEU A 29 3.41 13.23 -10.08
C LEU A 29 2.62 14.53 -10.03
N ILE A 30 3.27 15.65 -10.32
CA ILE A 30 2.58 16.93 -10.35
C ILE A 30 1.43 16.89 -11.36
N GLU A 31 1.68 16.34 -12.54
CA GLU A 31 0.63 16.25 -13.55
C GLU A 31 -0.51 15.35 -13.08
N GLU A 32 -0.19 14.19 -12.52
CA GLU A 32 -1.23 13.28 -12.04
C GLU A 32 -2.09 13.94 -10.97
N LYS A 33 -1.48 14.76 -10.10
CA LYS A 33 -2.24 15.46 -9.08
C LYS A 33 -3.23 16.43 -9.72
N LYS A 34 -2.76 17.25 -10.68
CA LYS A 34 -3.66 18.18 -11.35
C LYS A 34 -4.86 17.46 -11.94
N MET A 35 -4.63 16.27 -12.51
CA MET A 35 -5.69 15.54 -13.19
C MET A 35 -6.67 14.87 -12.23
N LEU A 36 -6.38 14.89 -10.92
CA LEU A 36 -7.32 14.32 -9.96
C LEU A 36 -8.55 15.21 -9.85
N SER A 37 -9.73 14.60 -9.95
CA SER A 37 -10.97 15.33 -9.81
C SER A 37 -11.15 15.78 -8.36
N CYS A 38 -12.12 16.68 -8.16
CA CYS A 38 -12.43 17.14 -6.81
C CYS A 38 -12.82 15.97 -5.92
N TYR A 39 -13.59 15.03 -6.45
CA TYR A 39 -13.98 13.85 -5.68
C TYR A 39 -12.76 13.02 -5.30
N GLU A 40 -11.87 12.79 -6.27
CA GLU A 40 -10.66 12.02 -6.00
C GLU A 40 -9.79 12.71 -4.96
N ASN A 41 -9.68 14.04 -5.03
CA ASN A 41 -8.89 14.76 -4.05
C ASN A 41 -9.44 14.56 -2.64
N LYS A 42 -10.74 14.75 -2.46
CA LYS A 42 -11.35 14.47 -1.16
C LYS A 42 -11.05 13.05 -0.73
N LEU A 43 -11.26 12.09 -1.62
CA LEU A 43 -10.94 10.70 -1.34
C LEU A 43 -9.48 10.54 -0.91
N LEU A 44 -8.56 11.11 -1.69
CA LEU A 44 -7.15 11.04 -1.35
C LEU A 44 -6.90 11.54 0.06
N ASN A 45 -7.55 12.64 0.43
CA ASN A 45 -7.34 13.21 1.75
C ASN A 45 -7.77 12.24 2.84
N LEU A 46 -8.94 11.61 2.66
CA LEU A 46 -9.42 10.67 3.67
C LEU A 46 -8.50 9.46 3.77
N ILE A 47 -8.05 8.94 2.62
CA ILE A 47 -7.17 7.77 2.65
C ILE A 47 -5.86 8.11 3.34
N LYS A 48 -5.30 9.28 3.06
CA LYS A 48 -4.04 9.68 3.69
C LYS A 48 -4.20 9.74 5.21
N GLU A 49 -5.24 10.43 5.68
CA GLU A 49 -5.45 10.54 7.13
C GLU A 49 -5.62 9.18 7.77
N ASP A 50 -6.41 8.30 7.15
CA ASP A 50 -6.68 7.00 7.73
C ASP A 50 -5.43 6.13 7.75
N CYS A 51 -4.73 6.04 6.60
CA CYS A 51 -3.60 5.12 6.50
C CYS A 51 -2.40 5.61 7.28
N GLU A 52 -2.23 6.92 7.45
CA GLU A 52 -1.19 7.42 8.34
C GLU A 52 -1.55 7.14 9.79
N ASN A 53 -2.85 7.22 10.12
CA ASN A 53 -3.29 6.82 11.46
C ASN A 53 -3.04 5.34 11.69
N ILE A 54 -3.31 4.50 10.67
CA ILE A 54 -3.01 3.08 10.79
C ILE A 54 -1.52 2.86 10.96
N MET A 55 -0.70 3.59 10.21
CA MET A 55 0.74 3.50 10.36
C MET A 55 1.17 3.73 11.81
N LEU A 56 0.52 4.69 12.49
CA LEU A 56 0.91 5.02 13.85
C LEU A 56 0.55 3.90 14.82
N LYS A 57 -0.71 3.48 14.83
CA LYS A 57 -1.21 2.57 15.87
C LYS A 57 -0.77 1.14 15.63
N TYR A 58 -0.69 0.70 14.37
CA TYR A 58 -0.39 -0.68 14.04
C TYR A 58 0.98 -0.83 13.38
N LYS A 59 1.91 0.07 13.71
CA LYS A 59 3.29 -0.09 13.24
C LYS A 59 3.89 -1.43 13.67
N PRO A 60 3.77 -1.86 14.94
CA PRO A 60 4.32 -3.18 15.29
C PRO A 60 3.69 -4.31 14.50
N ASN A 61 2.39 -4.22 14.20
CA ASN A 61 1.74 -5.25 13.40
C ASN A 61 2.26 -5.24 11.97
N LEU A 62 2.43 -4.05 11.39
CA LEU A 62 2.92 -3.95 10.01
C LEU A 62 4.40 -4.33 9.93
N SER A 63 5.21 -3.84 10.86
CA SER A 63 6.61 -4.24 10.89
C SER A 63 6.75 -5.76 10.94
N TYR A 64 5.89 -6.41 11.72
CA TYR A 64 5.92 -7.86 11.78
C TYR A 64 5.57 -8.47 10.43
N ILE A 65 4.55 -7.93 9.77
CA ILE A 65 4.20 -8.42 8.43
C ILE A 65 5.39 -8.27 7.49
N CYS A 66 6.04 -7.10 7.52
CA CYS A 66 7.20 -6.87 6.67
C CYS A 66 8.31 -7.87 6.97
N SER A 67 8.50 -8.20 8.24
CA SER A 67 9.47 -9.24 8.59
C SER A 67 9.07 -10.58 8.00
N LEU A 68 7.78 -10.93 8.11
CA LEU A 68 7.32 -12.20 7.55
C LEU A 68 7.54 -12.25 6.05
N LEU A 69 7.26 -11.15 5.35
CA LEU A 69 7.42 -11.11 3.91
C LEU A 69 8.86 -10.90 3.48
N LYS A 70 9.76 -10.57 4.41
CA LYS A 70 11.17 -10.37 4.09
C LYS A 70 11.35 -9.25 3.07
N VAL A 71 10.71 -8.10 3.37
CA VAL A 71 10.74 -6.98 2.44
C VAL A 71 12.14 -6.45 2.23
N ASP A 72 13.05 -6.70 3.17
CA ASP A 72 14.45 -6.34 2.96
C ASP A 72 15.00 -7.03 1.71
N ASP A 73 14.49 -8.21 1.38
CA ASP A 73 14.87 -8.91 0.16
C ASP A 73 14.13 -8.27 -1.01
N THR A 74 14.85 -7.56 -1.86
CA THR A 74 14.27 -6.87 -3.01
C THR A 74 14.50 -7.61 -4.32
N SER A 75 14.94 -8.86 -4.27
CA SER A 75 15.09 -9.64 -5.49
C SER A 75 13.76 -9.75 -6.22
N GLU A 76 13.82 -9.79 -7.55
CA GLU A 76 12.61 -9.97 -8.35
C GLU A 76 11.82 -11.18 -7.86
N GLU A 77 12.52 -12.28 -7.55
CA GLU A 77 11.83 -13.49 -7.12
C GLU A 77 11.01 -13.24 -5.86
N ASN A 78 11.52 -12.41 -4.95
CA ASN A 78 10.84 -12.22 -3.68
C ASN A 78 9.76 -11.14 -3.74
N ILE A 79 9.98 -10.09 -4.53
CA ILE A 79 8.95 -9.05 -4.67
C ILE A 79 7.68 -9.67 -5.24
N LYS A 80 7.81 -10.63 -6.15
CA LYS A 80 6.64 -11.31 -6.66
C LYS A 80 5.99 -12.18 -5.60
N HIS A 81 6.79 -12.90 -4.82
CA HIS A 81 6.24 -13.66 -3.70
C HIS A 81 5.48 -12.74 -2.74
N ILE A 82 5.93 -11.50 -2.59
CA ILE A 82 5.23 -10.56 -1.71
C ILE A 82 3.88 -10.18 -2.31
N LYS A 83 3.89 -9.75 -3.58
CA LYS A 83 2.65 -9.39 -4.26
C LYS A 83 1.62 -10.52 -4.14
N ASP A 84 2.00 -11.71 -4.59
CA ASP A 84 1.08 -12.85 -4.56
C ASP A 84 0.53 -13.07 -3.15
N GLN A 85 1.37 -12.92 -2.13
CA GLN A 85 0.90 -13.09 -0.76
C GLN A 85 -0.13 -12.04 -0.40
N ILE A 86 0.16 -10.77 -0.68
CA ILE A 86 -0.78 -9.70 -0.39
C ILE A 86 -2.07 -9.89 -1.17
N ILE A 87 -1.95 -10.12 -2.48
CA ILE A 87 -3.13 -10.32 -3.33
C ILE A 87 -4.00 -11.43 -2.77
N GLU A 88 -3.40 -12.61 -2.56
CA GLU A 88 -4.17 -13.74 -2.05
C GLU A 88 -4.77 -13.43 -0.69
N SER A 89 -4.06 -12.69 0.16
CA SER A 89 -4.60 -12.30 1.45
C SER A 89 -5.86 -11.45 1.27
N LEU A 90 -5.80 -10.45 0.39
CA LEU A 90 -6.98 -9.63 0.13
C LEU A 90 -8.12 -10.45 -0.42
N GLU A 91 -7.83 -11.54 -1.14
CA GLU A 91 -8.90 -12.39 -1.66
CA GLU A 91 -8.90 -12.39 -1.66
C GLU A 91 -9.61 -13.12 -0.53
N ASN A 92 -8.84 -13.73 0.37
CA ASN A 92 -9.42 -14.47 1.50
C ASN A 92 -9.96 -13.55 2.59
N ASP A 93 -9.63 -12.24 2.54
CA ASP A 93 -10.10 -11.29 3.55
C ASP A 93 -10.13 -9.90 2.90
N ASN A 94 -11.27 -9.55 2.30
CA ASN A 94 -11.37 -8.34 1.50
C ASN A 94 -12.11 -7.21 2.22
N ARG A 95 -12.13 -7.24 3.55
CA ARG A 95 -12.79 -6.20 4.31
C ARG A 95 -12.17 -4.84 4.00
N PRO A 96 -12.96 -3.77 3.99
CA PRO A 96 -12.38 -2.43 3.83
C PRO A 96 -11.28 -2.14 4.84
N SER A 97 -11.46 -2.55 6.10
CA SER A 97 -10.42 -2.33 7.10
C SER A 97 -9.09 -2.94 6.65
N VAL A 98 -9.14 -4.19 6.18
CA VAL A 98 -7.91 -4.85 5.76
C VAL A 98 -7.33 -4.17 4.53
N LYS A 99 -8.19 -3.71 3.62
CA LYS A 99 -7.71 -3.00 2.45
C LYS A 99 -6.92 -1.76 2.85
N LEU A 100 -7.39 -1.02 3.86
CA LEU A 100 -6.67 0.15 4.33
C LEU A 100 -5.34 -0.22 4.97
N ALA A 101 -5.31 -1.32 5.71
CA ALA A 101 -4.05 -1.76 6.31
C ALA A 101 -3.05 -2.13 5.22
N ILE A 102 -3.52 -2.73 4.13
CA ILE A 102 -2.63 -3.08 3.03
C ILE A 102 -2.04 -1.82 2.40
N ILE A 103 -2.85 -0.77 2.25
CA ILE A 103 -2.32 0.50 1.78
C ILE A 103 -1.22 0.98 2.71
N SER A 104 -1.51 1.00 4.02
CA SER A 104 -0.48 1.37 4.99
C SER A 104 0.72 0.44 4.89
N LEU A 105 0.46 -0.85 4.67
CA LEU A 105 1.56 -1.81 4.55
C LEU A 105 2.46 -1.45 3.37
N ILE A 106 1.86 -1.24 2.21
CA ILE A 106 2.65 -0.91 1.03
C ILE A 106 3.37 0.42 1.23
N SER A 107 2.74 1.35 1.94
CA SER A 107 3.41 2.60 2.29
C SER A 107 4.68 2.32 3.10
N MET A 108 4.61 1.39 4.04
CA MET A 108 5.78 1.03 4.82
C MET A 108 6.85 0.40 3.94
N ILE A 109 6.46 -0.49 3.04
CA ILE A 109 7.43 -1.15 2.18
C ILE A 109 8.17 -0.12 1.33
N VAL A 110 7.44 0.79 0.68
CA VAL A 110 8.09 1.77 -0.19
C VAL A 110 9.01 2.68 0.62
N GLU A 111 8.62 2.99 1.86
CA GLU A 111 9.47 3.84 2.70
C GLU A 111 10.70 3.10 3.20
N MET A 112 10.66 1.77 3.27
CA MET A 112 11.81 1.01 3.74
C MET A 112 12.84 0.82 2.64
N ASN A 113 12.40 0.48 1.42
CA ASN A 113 13.32 0.17 0.33
C ASN A 113 13.36 1.24 -0.75
N GLY A 114 12.39 2.12 -0.80
CA GLY A 114 12.31 3.11 -1.87
C GLY A 114 11.67 2.54 -3.13
N TYR A 115 11.34 3.45 -4.03
CA TYR A 115 10.68 3.07 -5.29
C TYR A 115 10.81 4.23 -6.26
N LYS A 116 11.59 4.03 -7.31
CA LYS A 116 11.77 5.00 -8.38
C LYS A 116 11.04 4.63 -9.65
N GLY A 117 10.27 3.54 -9.64
CA GLY A 117 9.70 3.00 -10.85
C GLY A 117 10.62 2.09 -11.62
N LYS A 118 11.94 2.23 -11.42
CA LYS A 118 12.90 1.34 -12.08
C LYS A 118 12.60 -0.11 -11.77
N ASN A 119 12.06 -0.40 -10.60
CA ASN A 119 11.68 -1.76 -10.21
C ASN A 119 10.27 -1.99 -10.72
N ILE A 120 10.15 -2.64 -11.86
CA ILE A 120 8.86 -2.85 -12.52
C ILE A 120 7.98 -3.79 -11.70
N PRO A 121 8.54 -4.82 -11.06
CA PRO A 121 7.69 -5.67 -10.20
C PRO A 121 6.94 -4.91 -9.12
N MET A 122 7.55 -3.87 -8.54
CA MET A 122 6.83 -3.03 -7.60
C MET A 122 5.69 -2.31 -8.29
N SER A 123 5.87 -1.91 -9.55
CA SER A 123 4.80 -1.27 -10.30
C SER A 123 3.60 -2.21 -10.45
N PHE A 124 3.86 -3.49 -10.70
CA PHE A 124 2.78 -4.46 -10.80
C PHE A 124 2.08 -4.63 -9.45
N LEU A 125 2.86 -4.74 -8.38
CA LEU A 125 2.27 -4.86 -7.05
C LEU A 125 1.30 -3.72 -6.77
N ILE A 126 1.75 -2.49 -7.00
CA ILE A 126 0.90 -1.33 -6.75
C ILE A 126 -0.37 -1.39 -7.58
N GLU A 127 -0.22 -1.62 -8.89
CA GLU A 127 -1.38 -1.59 -9.79
C GLU A 127 -2.40 -2.66 -9.43
N ASP A 128 -1.94 -3.89 -9.22
CA ASP A 128 -2.87 -5.00 -8.99
C ASP A 128 -3.57 -4.86 -7.64
N ILE A 129 -2.85 -4.40 -6.61
CA ILE A 129 -3.46 -4.24 -5.29
C ILE A 129 -4.49 -3.12 -5.32
N ALA A 130 -4.13 -1.98 -5.91
CA ALA A 130 -5.09 -0.89 -6.05
C ALA A 130 -6.35 -1.37 -6.76
N LEU A 131 -6.19 -2.18 -7.81
CA LEU A 131 -7.34 -2.72 -8.51
C LEU A 131 -8.20 -3.56 -7.59
N LYS A 132 -7.57 -4.45 -6.81
CA LYS A 132 -8.33 -5.29 -5.89
C LYS A 132 -9.02 -4.45 -4.82
N ILE A 133 -8.34 -3.42 -4.31
CA ILE A 133 -8.94 -2.57 -3.30
C ILE A 133 -10.13 -1.81 -3.87
N SER A 134 -10.08 -1.45 -5.14
CA SER A 134 -11.20 -0.74 -5.76
C SER A 134 -12.39 -1.65 -6.03
N GLU A 135 -12.21 -2.96 -5.98
CA GLU A 135 -13.34 -3.87 -6.13
C GLU A 135 -14.30 -3.73 -4.96
N ASN A 136 -15.58 -4.00 -5.23
CA ASN A 136 -16.65 -3.79 -4.26
C ASN A 136 -16.46 -2.45 -3.57
N SER A 137 -16.49 -1.40 -4.39
CA SER A 137 -16.15 -0.06 -3.91
C SER A 137 -17.08 0.40 -2.80
N GLU A 138 -18.40 0.19 -2.96
CA GLU A 138 -19.35 0.71 -1.99
C GLU A 138 -18.99 0.29 -0.58
N ASP A 139 -18.56 -0.96 -0.39
CA ASP A 139 -18.15 -1.42 0.92
C ASP A 139 -16.98 -0.59 1.47
N LEU A 140 -16.09 -0.15 0.58
CA LEU A 140 -14.94 0.64 1.02
C LEU A 140 -15.33 2.09 1.29
N ILE A 141 -16.08 2.70 0.38
CA ILE A 141 -16.57 4.07 0.61
C ILE A 141 -17.39 4.11 1.90
N ASN A 142 -18.27 3.14 2.08
CA ASN A 142 -19.09 3.09 3.30
C ASN A 142 -18.20 3.05 4.53
N PHE A 143 -17.16 2.22 4.51
CA PHE A 143 -16.27 2.12 5.66
C PHE A 143 -15.54 3.44 5.92
N ILE A 144 -15.04 4.08 4.87
CA ILE A 144 -14.24 5.29 5.03
C ILE A 144 -15.09 6.43 5.59
N ASN A 145 -16.21 6.75 4.90
CA ASN A 145 -17.04 7.87 5.32
C ASN A 145 -17.57 7.67 6.73
N ILE A 146 -17.92 6.42 7.08
CA ILE A 146 -18.35 6.13 8.44
C ILE A 146 -17.23 6.43 9.43
N LYS A 147 -15.97 6.34 8.99
CA LYS A 147 -14.85 6.57 9.89
C LYS A 147 -14.65 8.05 10.17
N ASN A 148 -14.83 8.91 9.17
CA ASN A 148 -14.67 10.34 9.36
C ASN A 148 -15.84 10.98 10.09
N LYS A 149 -16.90 10.23 10.36
CA LYS A 149 -18.07 10.76 11.06
C LYS A 149 -18.63 11.98 10.33
N SER B 6 3.63 -19.89 6.14
CA SER B 6 3.64 -18.48 6.50
C SER B 6 2.47 -17.73 5.86
N THR B 7 1.86 -18.34 4.85
CA THR B 7 0.67 -17.75 4.24
C THR B 7 -0.42 -17.52 5.29
N LYS B 8 -0.65 -18.51 6.16
CA LYS B 8 -1.64 -18.35 7.20
C LYS B 8 -1.20 -17.35 8.26
N LYS B 9 0.11 -17.21 8.48
CA LYS B 9 0.58 -16.26 9.48
C LYS B 9 0.32 -14.82 9.03
N LEU B 10 0.49 -14.55 7.74
CA LEU B 10 0.16 -13.23 7.21
C LEU B 10 -1.32 -12.93 7.40
N SER B 11 -2.18 -13.88 7.00
CA SER B 11 -3.62 -13.66 7.09
C SER B 11 -4.04 -13.38 8.53
N GLU B 12 -3.39 -14.03 9.50
CA GLU B 12 -3.76 -13.83 10.89
C GLU B 12 -3.43 -12.42 11.36
N CYS B 13 -2.25 -11.91 11.01
CA CYS B 13 -1.88 -10.56 11.42
CA CYS B 13 -1.87 -10.56 11.42
C CYS B 13 -2.79 -9.53 10.77
N LEU B 14 -3.02 -9.67 9.46
CA LEU B 14 -3.93 -8.75 8.77
C LEU B 14 -5.34 -8.83 9.35
N LYS B 15 -5.79 -10.03 9.68
CA LYS B 15 -7.13 -10.17 10.26
C LYS B 15 -7.24 -9.40 11.56
N ARG B 16 -6.23 -9.50 12.44
CA ARG B 16 -6.29 -8.78 13.70
C ARG B 16 -6.35 -7.28 13.46
N ILE B 17 -5.48 -6.77 12.58
CA ILE B 17 -5.54 -5.35 12.24
C ILE B 17 -6.95 -4.98 11.80
N GLY B 18 -7.51 -5.77 10.88
CA GLY B 18 -8.87 -5.51 10.44
C GLY B 18 -9.86 -5.58 11.59
N ASP B 19 -9.77 -6.63 12.41
CA ASP B 19 -10.66 -6.78 13.55
C ASP B 19 -10.59 -5.56 14.46
N GLU B 20 -9.39 -5.07 14.75
CA GLU B 20 -9.24 -3.91 15.62
C GLU B 20 -9.82 -2.66 14.98
N LEU B 21 -9.53 -2.43 13.71
CA LEU B 21 -10.09 -1.28 13.01
C LEU B 21 -11.61 -1.34 12.98
N ASP B 22 -12.17 -2.54 12.77
CA ASP B 22 -13.62 -2.69 12.73
C ASP B 22 -14.25 -2.30 14.07
N SER B 23 -13.67 -2.74 15.18
CA SER B 23 -14.24 -2.44 16.49
C SER B 23 -14.04 -0.96 16.85
N ASN B 24 -12.87 -0.41 16.54
CA ASN B 24 -12.64 1.02 16.78
C ASN B 24 -13.57 1.87 15.94
N MET B 25 -14.13 1.31 14.86
CA MET B 25 -15.16 2.02 14.10
C MET B 25 -16.39 2.26 14.97
N GLU B 26 -16.86 1.23 15.65
CA GLU B 26 -17.94 1.36 16.62
C GLU B 26 -19.19 1.98 16.01
NA NA C . -10.89 -10.87 -6.58
NA NA D . -6.46 -16.05 -3.76
#